data_9GLU
#
_entry.id   9GLU
#
_cell.length_a   41.407
_cell.length_b   79.44
_cell.length_c   128.529
_cell.angle_alpha   90
_cell.angle_beta   90
_cell.angle_gamma   90
#
_symmetry.space_group_name_H-M   'P 21 21 21'
#
loop_
_entity.id
_entity.type
_entity.pdbx_description
1 polymer 'Isoform 2B of GTPase KRas'
2 polymer 'Peptide MPB1'
3 non-polymer 'MAGNESIUM ION'
4 non-polymer "GUANOSINE-5'-DIPHOSPHATE"
5 water water
#
loop_
_entity_poly.entity_id
_entity_poly.type
_entity_poly.pdbx_seq_one_letter_code
_entity_poly.pdbx_strand_id
1 'polypeptide(L)'
;GMTEYKLVVVGADGVGKSALTIQLIQNHFVDEYDPTIEDSYRKQVVIDGETSLLDILDTAGQEEYSAMRDQYMRTGEGFL
LVFAINNTKSFEDIHHYREQIKRVKDSEDVPMVLVGNKSDLPSRTVDTKQAQDLARSYGIPFIETSAKTRQGVDDAFYTL
VREIRKHKEK
;
A,B
2 'polypeptide(L)' (ACE)FLRLARPFVSFICG(NH2) C,D
#
# COMPACT_ATOMS: atom_id res chain seq x y z
N GLY A 1 -13.36 27.50 -13.23
CA GLY A 1 -12.50 26.35 -13.49
C GLY A 1 -12.87 25.20 -12.58
N MET A 2 -11.88 24.39 -12.24
N MET A 2 -11.90 24.31 -12.30
CA MET A 2 -12.12 23.26 -11.36
CA MET A 2 -12.12 23.14 -11.44
C MET A 2 -10.96 23.07 -10.39
C MET A 2 -10.92 22.84 -10.55
N THR A 3 -11.18 22.20 -9.40
CA THR A 3 -10.14 21.83 -8.47
C THR A 3 -10.29 20.35 -8.18
N GLU A 4 -9.17 19.65 -8.11
CA GLU A 4 -9.18 18.25 -7.79
C GLU A 4 -8.72 18.08 -6.34
N TYR A 5 -9.33 17.14 -5.59
CA TYR A 5 -8.98 16.93 -4.18
C TYR A 5 -8.76 15.44 -3.94
N LYS A 6 -7.64 15.09 -3.28
CA LYS A 6 -7.32 13.71 -2.96
C LYS A 6 -7.71 13.47 -1.52
N LEU A 7 -8.72 12.63 -1.32
CA LEU A 7 -9.30 12.38 0.02
C LEU A 7 -9.06 10.95 0.42
N VAL A 8 -8.86 10.72 1.73
CA VAL A 8 -8.61 9.37 2.22
C VAL A 8 -9.56 9.10 3.35
N VAL A 9 -10.33 8.03 3.26
CA VAL A 9 -11.30 7.67 4.29
C VAL A 9 -10.71 6.57 5.16
N VAL A 10 -10.51 6.85 6.46
CA VAL A 10 -9.90 5.89 7.36
C VAL A 10 -10.80 5.61 8.60
N GLY A 11 -10.47 4.57 9.33
CA GLY A 11 -11.26 4.18 10.48
C GLY A 11 -11.41 2.67 10.57
N ALA A 12 -11.78 2.18 11.74
CA ALA A 12 -11.89 0.76 12.00
C ALA A 12 -12.68 -0.03 10.97
N ASP A 13 -12.42 -1.35 10.87
CA ASP A 13 -13.25 -2.22 10.03
C ASP A 13 -14.72 -2.12 10.45
N GLY A 14 -15.60 -1.98 9.48
CA GLY A 14 -17.02 -1.97 9.72
C GLY A 14 -17.66 -0.67 10.14
N VAL A 15 -16.92 0.47 10.14
CA VAL A 15 -17.56 1.73 10.59
C VAL A 15 -18.47 2.34 9.53
N GLY A 16 -18.31 1.93 8.27
CA GLY A 16 -19.07 2.42 7.13
C GLY A 16 -18.26 3.28 6.18
N LYS A 17 -16.94 3.08 6.09
CA LYS A 17 -16.10 3.82 5.13
C LYS A 17 -16.59 3.57 3.68
N SER A 18 -16.83 2.31 3.35
CA SER A 18 -17.28 1.96 2.02
C SER A 18 -18.69 2.46 1.81
N ALA A 19 -19.60 2.26 2.77
CA ALA A 19 -20.98 2.76 2.62
C ALA A 19 -21.02 4.30 2.40
N LEU A 20 -20.18 5.05 3.11
CA LEU A 20 -20.10 6.51 2.94
C LEU A 20 -19.58 6.85 1.58
N THR A 21 -18.48 6.21 1.15
CA THR A 21 -17.89 6.50 -0.17
C THR A 21 -18.87 6.18 -1.28
N ILE A 22 -19.62 5.06 -1.16
CA ILE A 22 -20.56 4.67 -2.20
C ILE A 22 -21.78 5.60 -2.23
N GLN A 23 -22.21 6.10 -1.07
CA GLN A 23 -23.29 7.08 -1.03
C GLN A 23 -22.81 8.39 -1.71
N LEU A 24 -21.56 8.75 -1.55
CA LEU A 24 -21.01 9.95 -2.19
C LEU A 24 -20.95 9.76 -3.71
N ILE A 25 -20.40 8.62 -4.17
CA ILE A 25 -20.17 8.44 -5.60
C ILE A 25 -21.37 7.89 -6.38
N GLN A 26 -22.21 7.07 -5.76
CA GLN A 26 -23.35 6.44 -6.45
C GLN A 26 -24.72 6.88 -5.94
N ASN A 27 -24.77 7.65 -4.83
CA ASN A 27 -26.00 8.16 -4.24
C ASN A 27 -26.97 7.05 -3.83
N HIS A 28 -26.47 5.95 -3.28
CA HIS A 28 -27.30 4.93 -2.67
C HIS A 28 -26.54 4.14 -1.60
N PHE A 29 -27.30 3.49 -0.72
CA PHE A 29 -26.74 2.74 0.38
C PHE A 29 -26.47 1.33 -0.08
N VAL A 30 -25.26 0.86 0.13
CA VAL A 30 -24.89 -0.50 -0.22
C VAL A 30 -24.55 -1.12 1.09
N ASP A 31 -25.38 -2.06 1.55
CA ASP A 31 -25.20 -2.65 2.85
C ASP A 31 -24.21 -3.81 2.91
N GLU A 32 -23.82 -4.36 1.76
CA GLU A 32 -22.85 -5.43 1.73
C GLU A 32 -21.81 -5.12 0.65
N TYR A 33 -20.64 -4.73 1.10
CA TYR A 33 -19.54 -4.40 0.20
C TYR A 33 -18.34 -5.05 0.83
N ASP A 34 -17.66 -5.95 0.11
CA ASP A 34 -16.50 -6.69 0.62
C ASP A 34 -15.56 -5.86 1.53
N PRO A 35 -15.46 -6.22 2.83
CA PRO A 35 -14.62 -5.42 3.75
C PRO A 35 -13.14 -5.40 3.44
N THR A 36 -12.67 -6.28 2.55
CA THR A 36 -11.26 -6.31 2.17
C THR A 36 -10.95 -5.38 1.00
N ILE A 37 -11.99 -4.84 0.30
CA ILE A 37 -11.72 -3.99 -0.86
C ILE A 37 -11.22 -2.62 -0.49
N GLU A 38 -9.99 -2.33 -0.88
CA GLU A 38 -9.40 -1.03 -0.75
C GLU A 38 -9.19 -0.54 -2.18
N ASP A 39 -9.72 0.64 -2.50
CA ASP A 39 -9.60 1.19 -3.85
C ASP A 39 -9.84 2.67 -3.84
N SER A 40 -9.46 3.34 -4.92
CA SER A 40 -9.73 4.76 -5.07
C SER A 40 -10.89 4.92 -6.05
N TYR A 41 -11.72 5.93 -5.81
CA TYR A 41 -12.91 6.17 -6.61
C TYR A 41 -12.94 7.63 -7.00
N ARG A 42 -13.20 7.91 -8.29
CA ARG A 42 -13.26 9.29 -8.74
C ARG A 42 -14.70 9.73 -8.89
N LYS A 43 -15.01 10.98 -8.52
CA LYS A 43 -16.37 11.49 -8.62
C LYS A 43 -16.33 12.99 -8.80
N GLN A 44 -17.03 13.51 -9.82
CA GLN A 44 -17.09 14.93 -10.04
C GLN A 44 -18.37 15.43 -9.39
N VAL A 45 -18.24 16.44 -8.52
CA VAL A 45 -19.34 17.06 -7.83
C VAL A 45 -19.18 18.62 -8.01
N VAL A 46 -20.04 19.41 -7.35
CA VAL A 46 -19.94 20.86 -7.38
C VAL A 46 -20.02 21.24 -5.92
N ILE A 47 -19.05 21.99 -5.44
CA ILE A 47 -19.02 22.38 -4.03
C ILE A 47 -18.88 23.88 -4.00
N ASP A 48 -19.84 24.58 -3.39
CA ASP A 48 -19.87 26.05 -3.37
C ASP A 48 -19.75 26.65 -4.77
N GLY A 49 -20.45 26.03 -5.72
CA GLY A 49 -20.45 26.55 -7.09
C GLY A 49 -19.27 26.17 -7.96
N GLU A 50 -18.25 25.51 -7.38
CA GLU A 50 -17.08 25.12 -8.15
C GLU A 50 -17.10 23.66 -8.47
N THR A 51 -16.78 23.32 -9.74
CA THR A 51 -16.64 21.95 -10.17
C THR A 51 -15.49 21.33 -9.41
N SER A 52 -15.74 20.19 -8.76
CA SER A 52 -14.75 19.60 -7.90
C SER A 52 -14.58 18.15 -8.25
N LEU A 53 -13.34 17.74 -8.54
CA LEU A 53 -13.06 16.35 -8.82
C LEU A 53 -12.54 15.72 -7.56
N LEU A 54 -13.22 14.70 -7.05
CA LEU A 54 -12.78 14.02 -5.85
C LEU A 54 -12.15 12.71 -6.24
N ASP A 55 -10.98 12.43 -5.66
CA ASP A 55 -10.23 11.20 -5.87
C ASP A 55 -10.19 10.64 -4.45
N ILE A 56 -11.04 9.68 -4.15
CA ILE A 56 -11.20 9.18 -2.78
C ILE A 56 -10.66 7.79 -2.58
N LEU A 57 -9.75 7.60 -1.63
CA LEU A 57 -9.28 6.26 -1.29
C LEU A 57 -10.15 5.74 -0.14
N ASP A 58 -10.83 4.63 -0.37
CA ASP A 58 -11.63 3.99 0.67
C ASP A 58 -10.72 2.89 1.23
N THR A 59 -10.07 3.13 2.40
CA THR A 59 -9.07 2.19 2.90
C THR A 59 -9.66 0.90 3.45
N ALA A 60 -8.86 -0.17 3.49
CA ALA A 60 -9.22 -1.48 4.03
C ALA A 60 -7.93 -2.21 4.38
N GLY A 61 -8.02 -3.21 5.26
CA GLY A 61 -6.90 -4.02 5.71
C GLY A 61 -5.76 -3.20 6.27
N GLN A 62 -6.09 -2.14 7.03
CA GLN A 62 -5.17 -1.17 7.58
C GLN A 62 -4.23 -1.72 8.67
N GLU A 63 -4.37 -2.99 9.06
CA GLU A 63 -3.42 -3.61 9.98
C GLU A 63 -2.10 -3.98 9.25
N GLU A 64 -2.10 -3.97 7.89
CA GLU A 64 -0.91 -4.22 7.04
C GLU A 64 -0.70 -3.02 6.11
N TYR A 65 0.53 -2.82 5.65
CA TYR A 65 0.77 -1.76 4.66
C TYR A 65 0.17 -2.21 3.32
N SER A 66 -0.17 -1.25 2.48
CA SER A 66 -0.61 -1.53 1.14
C SER A 66 0.05 -0.53 0.21
N ALA A 67 0.22 -0.89 -1.07
CA ALA A 67 0.81 0.05 -2.02
C ALA A 67 -0.12 1.21 -2.28
N MET A 68 -1.44 0.99 -2.25
CA MET A 68 -2.37 2.10 -2.46
C MET A 68 -2.30 3.10 -1.32
N ARG A 69 -2.22 2.62 -0.06
CA ARG A 69 -2.04 3.54 1.06
C ARG A 69 -0.66 4.17 1.07
N ASP A 70 0.41 3.45 0.69
CA ASP A 70 1.75 4.07 0.61
C ASP A 70 1.71 5.31 -0.33
N GLN A 71 0.90 5.24 -1.39
CA GLN A 71 0.75 6.35 -2.34
C GLN A 71 -0.20 7.46 -1.79
N TYR A 72 -1.41 7.09 -1.37
CA TYR A 72 -2.38 8.07 -0.89
C TYR A 72 -2.09 8.64 0.49
N MET A 73 -1.37 7.94 1.37
CA MET A 73 -1.06 8.53 2.68
C MET A 73 -0.11 9.72 2.50
N ARG A 74 0.80 9.63 1.51
CA ARG A 74 1.78 10.63 1.15
C ARG A 74 1.18 11.78 0.32
N THR A 75 0.34 11.47 -0.68
CA THR A 75 -0.22 12.50 -1.56
C THR A 75 -1.61 13.03 -1.13
N GLY A 76 -2.28 12.32 -0.23
CA GLY A 76 -3.62 12.69 0.20
C GLY A 76 -3.66 14.04 0.86
N GLU A 77 -4.63 14.84 0.51
CA GLU A 77 -4.75 16.20 1.03
C GLU A 77 -5.62 16.33 2.26
N GLY A 78 -6.54 15.39 2.45
CA GLY A 78 -7.44 15.46 3.60
C GLY A 78 -7.93 14.07 3.96
N PHE A 79 -8.30 13.91 5.23
CA PHE A 79 -8.71 12.60 5.75
C PHE A 79 -10.03 12.66 6.50
N LEU A 80 -10.90 11.68 6.27
CA LEU A 80 -12.11 11.54 7.06
C LEU A 80 -11.78 10.46 8.11
N LEU A 81 -11.93 10.78 9.37
CA LEU A 81 -11.66 9.85 10.47
C LEU A 81 -13.03 9.36 10.86
N VAL A 82 -13.37 8.14 10.50
CA VAL A 82 -14.71 7.62 10.73
C VAL A 82 -14.76 6.62 11.86
N PHE A 83 -15.73 6.79 12.75
CA PHE A 83 -16.08 5.84 13.79
C PHE A 83 -17.59 5.56 13.68
N ALA A 84 -18.06 4.51 14.35
CA ALA A 84 -19.47 4.21 14.35
C ALA A 84 -19.98 4.55 15.74
N ILE A 85 -21.10 5.29 15.83
CA ILE A 85 -21.67 5.75 17.10
C ILE A 85 -22.09 4.60 18.04
N ASN A 86 -22.22 3.38 17.52
CA ASN A 86 -22.55 2.21 18.34
C ASN A 86 -21.32 1.29 18.56
N ASN A 87 -20.11 1.78 18.28
CA ASN A 87 -18.92 1.00 18.47
C ASN A 87 -17.86 1.81 19.22
N THR A 88 -17.78 1.57 20.52
CA THR A 88 -16.85 2.29 21.41
C THR A 88 -15.41 2.14 20.96
N LYS A 89 -15.02 0.93 20.59
CA LYS A 89 -13.64 0.67 20.17
C LYS A 89 -13.29 1.48 18.91
N SER A 90 -14.23 1.63 17.96
CA SER A 90 -13.96 2.45 16.77
C SER A 90 -13.70 3.93 17.13
N PHE A 91 -14.38 4.46 18.16
CA PHE A 91 -14.18 5.83 18.60
C PHE A 91 -12.83 5.93 19.37
N GLU A 92 -12.56 4.94 20.22
CA GLU A 92 -11.30 4.86 20.98
C GLU A 92 -10.09 4.77 20.01
N ASP A 93 -10.26 4.17 18.83
CA ASP A 93 -9.20 4.07 17.82
C ASP A 93 -8.85 5.41 17.16
N ILE A 94 -9.79 6.36 17.09
CA ILE A 94 -9.62 7.63 16.38
C ILE A 94 -8.28 8.33 16.64
N HIS A 95 -7.93 8.58 17.91
CA HIS A 95 -6.68 9.25 18.23
C HIS A 95 -5.44 8.54 17.61
N HIS A 96 -5.47 7.22 17.50
CA HIS A 96 -4.38 6.47 16.87
C HIS A 96 -4.28 6.80 15.40
N TYR A 97 -5.43 6.92 14.69
CA TYR A 97 -5.44 7.26 13.28
C TYR A 97 -4.90 8.66 13.06
N ARG A 98 -5.34 9.63 13.87
CA ARG A 98 -4.86 11.01 13.74
C ARG A 98 -3.36 11.11 14.03
N GLU A 99 -2.89 10.43 15.07
CA GLU A 99 -1.48 10.48 15.45
C GLU A 99 -0.58 9.94 14.32
N GLN A 100 -0.98 8.80 13.73
CA GLN A 100 -0.22 8.21 12.65
C GLN A 100 -0.23 9.03 11.38
N ILE A 101 -1.38 9.64 11.04
CA ILE A 101 -1.45 10.50 9.87
C ILE A 101 -0.54 11.73 10.05
N LYS A 102 -0.51 12.28 11.27
CA LYS A 102 0.34 13.42 11.58
C LYS A 102 1.81 13.08 11.40
N ARG A 103 2.20 11.86 11.77
CA ARG A 103 3.57 11.41 11.60
C ARG A 103 3.92 11.17 10.14
N VAL A 104 2.97 10.65 9.36
CA VAL A 104 3.16 10.42 7.93
C VAL A 104 3.34 11.78 7.24
N LYS A 105 2.51 12.75 7.59
CA LYS A 105 2.57 14.08 7.01
C LYS A 105 3.69 14.95 7.54
N ASP A 106 4.28 14.60 8.69
CA ASP A 106 5.31 15.37 9.43
C ASP A 106 4.77 16.78 9.67
N SER A 107 3.51 16.86 10.12
CA SER A 107 2.83 18.12 10.26
C SER A 107 1.77 18.07 11.34
N GLU A 108 1.65 19.16 12.07
CA GLU A 108 0.62 19.33 13.07
C GLU A 108 -0.68 19.87 12.44
N ASP A 109 -0.66 20.27 11.15
CA ASP A 109 -1.79 20.84 10.44
C ASP A 109 -2.14 19.98 9.22
N VAL A 110 -2.94 18.95 9.41
CA VAL A 110 -3.37 18.09 8.33
C VAL A 110 -4.89 18.20 8.26
N PRO A 111 -5.47 18.60 7.12
CA PRO A 111 -6.95 18.68 7.02
C PRO A 111 -7.63 17.36 7.35
N MET A 112 -8.54 17.39 8.31
CA MET A 112 -9.24 16.21 8.76
C MET A 112 -10.62 16.57 9.20
N VAL A 113 -11.53 15.61 9.14
CA VAL A 113 -12.87 15.79 9.64
C VAL A 113 -13.21 14.52 10.43
N LEU A 114 -13.78 14.66 11.61
CA LEU A 114 -14.21 13.53 12.40
C LEU A 114 -15.65 13.21 12.01
N VAL A 115 -15.92 11.93 11.67
CA VAL A 115 -17.24 11.53 11.22
C VAL A 115 -17.81 10.45 12.15
N GLY A 116 -18.95 10.73 12.78
CA GLY A 116 -19.62 9.77 13.62
C GLY A 116 -20.72 9.14 12.79
N ASN A 117 -20.46 7.97 12.23
CA ASN A 117 -21.39 7.32 11.31
C ASN A 117 -22.36 6.36 12.02
N LYS A 118 -23.43 5.96 11.31
CA LYS A 118 -24.51 5.08 11.77
C LYS A 118 -25.45 5.83 12.71
N SER A 119 -25.67 7.13 12.46
N SER A 119 -25.66 7.14 12.48
CA SER A 119 -26.53 7.97 13.30
CA SER A 119 -26.53 7.94 13.36
C SER A 119 -28.00 7.58 13.32
C SER A 119 -27.99 7.48 13.41
N ASP A 120 -28.41 6.69 12.42
CA ASP A 120 -29.76 6.18 12.37
C ASP A 120 -30.00 5.07 13.40
N LEU A 121 -28.94 4.48 13.97
CA LEU A 121 -29.11 3.37 14.92
C LEU A 121 -29.64 3.78 16.29
N PRO A 122 -30.41 2.89 16.94
CA PRO A 122 -30.99 3.24 18.24
C PRO A 122 -30.12 3.01 19.47
N SER A 123 -29.00 2.26 19.36
CA SER A 123 -28.23 1.96 20.58
C SER A 123 -26.83 2.51 20.52
N ARG A 124 -26.75 3.84 20.47
CA ARG A 124 -25.49 4.53 20.47
C ARG A 124 -24.71 4.21 21.79
N THR A 125 -23.40 4.07 21.71
CA THR A 125 -22.53 3.88 22.88
C THR A 125 -21.58 5.09 23.03
N VAL A 126 -21.44 5.94 22.00
CA VAL A 126 -20.59 7.12 22.04
C VAL A 126 -21.49 8.35 22.01
N ASP A 127 -21.46 9.16 23.05
CA ASP A 127 -22.29 10.37 23.11
C ASP A 127 -21.70 11.40 22.17
N THR A 128 -22.55 12.17 21.50
CA THR A 128 -22.15 13.22 20.59
C THR A 128 -21.21 14.21 21.26
N LYS A 129 -21.39 14.45 22.57
CA LYS A 129 -20.55 15.38 23.31
C LYS A 129 -19.11 14.93 23.34
N GLN A 130 -18.86 13.63 23.58
CA GLN A 130 -17.50 13.08 23.63
C GLN A 130 -16.81 13.28 22.27
N ALA A 131 -17.55 13.08 21.16
CA ALA A 131 -16.96 13.26 19.84
C ALA A 131 -16.75 14.74 19.50
N GLN A 132 -17.73 15.61 19.84
CA GLN A 132 -17.57 17.05 19.63
C GLN A 132 -16.37 17.58 20.41
N ASP A 133 -16.18 17.10 21.64
CA ASP A 133 -15.07 17.54 22.46
C ASP A 133 -13.75 17.05 21.92
N LEU A 134 -13.71 15.80 21.43
CA LEU A 134 -12.48 15.27 20.83
C LEU A 134 -12.12 16.08 19.58
N ALA A 135 -13.10 16.37 18.70
CA ALA A 135 -12.85 17.16 17.50
C ALA A 135 -12.38 18.55 17.86
N ARG A 136 -12.97 19.16 18.90
CA ARG A 136 -12.54 20.48 19.35
C ARG A 136 -11.09 20.43 19.86
N SER A 137 -10.67 19.34 20.54
CA SER A 137 -9.27 19.21 21.01
C SER A 137 -8.27 19.17 19.84
N TYR A 138 -8.70 18.71 18.67
CA TYR A 138 -7.87 18.68 17.45
C TYR A 138 -8.01 19.92 16.58
N GLY A 139 -9.04 20.73 16.81
CA GLY A 139 -9.29 21.89 15.97
C GLY A 139 -9.89 21.48 14.63
N ILE A 140 -10.67 20.38 14.60
CA ILE A 140 -11.27 19.92 13.33
C ILE A 140 -12.79 19.83 13.43
N PRO A 141 -13.49 19.84 12.28
CA PRO A 141 -14.94 19.69 12.32
C PRO A 141 -15.38 18.27 12.72
N PHE A 142 -16.60 18.19 13.24
CA PHE A 142 -17.21 16.89 13.59
C PHE A 142 -18.57 16.87 12.88
N ILE A 143 -18.87 15.82 12.12
CA ILE A 143 -20.12 15.69 11.38
C ILE A 143 -20.71 14.33 11.72
N GLU A 144 -22.00 14.30 12.04
N GLU A 144 -21.98 14.26 12.15
CA GLU A 144 -22.76 13.10 12.32
CA GLU A 144 -22.62 12.96 12.41
C GLU A 144 -23.32 12.64 11.00
C GLU A 144 -23.37 12.57 11.13
N THR A 145 -23.12 11.36 10.64
CA THR A 145 -23.68 10.87 9.38
C THR A 145 -24.45 9.59 9.54
N SER A 146 -25.23 9.25 8.50
CA SER A 146 -25.80 7.94 8.36
C SER A 146 -25.65 7.65 6.92
N ALA A 147 -24.78 6.70 6.56
CA ALA A 147 -24.70 6.25 5.17
C ALA A 147 -26.03 5.58 4.77
N LYS A 148 -26.77 5.01 5.74
CA LYS A 148 -28.04 4.38 5.45
C LYS A 148 -29.09 5.37 4.93
N THR A 149 -29.31 6.48 5.63
CA THR A 149 -30.28 7.48 5.21
C THR A 149 -29.67 8.59 4.33
N ARG A 150 -28.35 8.63 4.20
CA ARG A 150 -27.59 9.69 3.49
C ARG A 150 -27.43 10.98 4.32
N GLN A 151 -27.91 11.00 5.57
CA GLN A 151 -27.76 12.15 6.45
C GLN A 151 -26.29 12.53 6.62
N GLY A 152 -25.96 13.80 6.39
CA GLY A 152 -24.61 14.29 6.58
C GLY A 152 -23.50 13.81 5.65
N VAL A 153 -23.80 12.96 4.66
CA VAL A 153 -22.75 12.41 3.77
C VAL A 153 -22.05 13.50 2.94
N ASP A 154 -22.81 14.31 2.21
CA ASP A 154 -22.23 15.39 1.40
C ASP A 154 -21.56 16.40 2.31
N ASP A 155 -22.15 16.72 3.46
CA ASP A 155 -21.55 17.62 4.42
C ASP A 155 -20.17 17.11 4.89
N ALA A 156 -20.04 15.82 5.19
CA ALA A 156 -18.73 15.28 5.65
C ALA A 156 -17.63 15.47 4.58
N PHE A 157 -17.88 15.05 3.33
CA PHE A 157 -16.92 15.20 2.28
C PHE A 157 -16.70 16.64 1.88
N TYR A 158 -17.76 17.46 1.79
CA TYR A 158 -17.60 18.87 1.36
C TYR A 158 -16.88 19.68 2.43
N THR A 159 -17.16 19.42 3.70
CA THR A 159 -16.46 20.10 4.80
C THR A 159 -14.98 19.77 4.75
N LEU A 160 -14.62 18.51 4.43
CA LEU A 160 -13.21 18.15 4.29
C LEU A 160 -12.57 18.93 3.14
N VAL A 161 -13.29 19.11 2.03
CA VAL A 161 -12.82 19.90 0.89
C VAL A 161 -12.57 21.36 1.32
N ARG A 162 -13.47 21.92 2.13
CA ARG A 162 -13.29 23.28 2.64
C ARG A 162 -12.07 23.38 3.55
N GLU A 163 -11.80 22.35 4.34
CA GLU A 163 -10.63 22.31 5.21
C GLU A 163 -9.36 22.26 4.35
N ILE A 164 -9.39 21.51 3.24
CA ILE A 164 -8.21 21.44 2.35
C ILE A 164 -7.98 22.80 1.68
N ARG A 165 -9.05 23.47 1.23
CA ARG A 165 -8.93 24.77 0.56
C ARG A 165 -8.22 25.78 1.47
N LYS A 166 -8.59 25.77 2.76
CA LYS A 166 -7.96 26.68 3.73
C LYS A 166 -6.48 26.35 3.87
N HIS A 167 -6.16 25.06 3.99
CA HIS A 167 -4.78 24.61 4.14
C HIS A 167 -3.93 25.00 2.95
N LYS A 168 -4.47 24.92 1.72
CA LYS A 168 -3.75 25.29 0.50
C LYS A 168 -3.43 26.79 0.43
N GLU A 169 -4.23 27.61 1.10
CA GLU A 169 -4.00 29.06 1.10
C GLU A 169 -2.76 29.46 1.90
N LYS A 170 -2.30 28.62 2.82
CA LYS A 170 -1.10 28.89 3.60
C LYS A 170 0.14 29.17 2.73
N MET B 2 26.92 -13.90 12.66
CA MET B 2 25.88 -12.93 12.32
C MET B 2 24.79 -13.58 11.48
N THR B 3 23.53 -13.15 11.66
CA THR B 3 22.43 -13.69 10.87
C THR B 3 22.58 -13.29 9.41
N GLU B 4 22.43 -14.24 8.52
CA GLU B 4 22.54 -13.97 7.10
C GLU B 4 21.19 -14.25 6.41
N TYR B 5 20.87 -13.46 5.39
CA TYR B 5 19.65 -13.67 4.63
C TYR B 5 20.03 -13.75 3.15
N LYS B 6 19.72 -14.88 2.50
CA LYS B 6 20.01 -15.06 1.07
C LYS B 6 18.77 -14.64 0.29
N LEU B 7 18.89 -13.58 -0.52
CA LEU B 7 17.76 -13.05 -1.27
C LEU B 7 18.03 -13.24 -2.75
N VAL B 8 16.96 -13.47 -3.52
CA VAL B 8 17.11 -13.65 -4.96
C VAL B 8 16.15 -12.68 -5.66
N VAL B 9 16.65 -11.86 -6.60
CA VAL B 9 15.83 -10.88 -7.33
C VAL B 9 15.53 -11.47 -8.72
N VAL B 10 14.24 -11.70 -9.04
CA VAL B 10 13.85 -12.30 -10.31
C VAL B 10 12.82 -11.42 -11.04
N GLY B 11 12.61 -11.71 -12.32
CA GLY B 11 11.70 -10.93 -13.13
C GLY B 11 12.24 -10.77 -14.54
N ALA B 12 11.38 -10.37 -15.45
CA ALA B 12 11.74 -10.24 -16.85
C ALA B 12 12.89 -9.29 -17.10
N ASP B 13 13.58 -9.41 -18.25
CA ASP B 13 14.65 -8.49 -18.66
C ASP B 13 14.09 -7.07 -18.70
N GLY B 14 14.87 -6.10 -18.24
CA GLY B 14 14.47 -4.71 -18.29
C GLY B 14 13.57 -4.18 -17.20
N VAL B 15 13.16 -5.00 -16.21
CA VAL B 15 12.24 -4.50 -15.17
C VAL B 15 12.90 -3.60 -14.13
N GLY B 16 14.20 -3.75 -13.95
CA GLY B 16 14.97 -2.95 -13.03
C GLY B 16 15.64 -3.75 -11.93
N LYS B 17 15.83 -5.07 -12.11
CA LYS B 17 16.48 -5.89 -11.08
C LYS B 17 17.87 -5.37 -10.72
N SER B 18 18.70 -5.10 -11.74
CA SER B 18 20.04 -4.59 -11.51
C SER B 18 20.02 -3.22 -10.91
N ALA B 19 19.15 -2.34 -11.40
CA ALA B 19 19.09 -0.97 -10.90
C ALA B 19 18.68 -0.91 -9.44
N LEU B 20 17.69 -1.75 -9.03
CA LEU B 20 17.22 -1.86 -7.66
C LEU B 20 18.33 -2.32 -6.72
N THR B 21 19.06 -3.38 -7.11
CA THR B 21 20.14 -3.96 -6.29
C THR B 21 21.30 -2.97 -6.19
N ILE B 22 21.65 -2.32 -7.30
CA ILE B 22 22.72 -1.32 -7.29
C ILE B 22 22.32 -0.11 -6.44
N GLN B 23 21.06 0.29 -6.51
CA GLN B 23 20.55 1.40 -5.72
C GLN B 23 20.61 1.01 -4.23
N LEU B 24 20.28 -0.23 -3.87
CA LEU B 24 20.36 -0.68 -2.47
C LEU B 24 21.82 -0.71 -1.97
N ILE B 25 22.72 -1.33 -2.72
CA ILE B 25 24.11 -1.50 -2.30
C ILE B 25 24.96 -0.22 -2.42
N GLN B 26 24.92 0.43 -3.58
CA GLN B 26 25.79 1.55 -3.90
C GLN B 26 25.12 2.93 -3.82
N ASN B 27 23.81 2.99 -3.57
CA ASN B 27 23.09 4.24 -3.42
C ASN B 27 23.21 5.18 -4.63
N HIS B 28 23.11 4.62 -5.84
CA HIS B 28 23.10 5.41 -7.06
C HIS B 28 22.30 4.71 -8.16
N PHE B 29 21.79 5.49 -9.12
CA PHE B 29 20.99 4.96 -10.21
C PHE B 29 21.82 4.69 -11.47
N VAL B 30 21.79 3.46 -11.97
CA VAL B 30 22.51 3.08 -13.20
C VAL B 30 21.52 2.93 -14.36
N ASP B 31 21.68 3.82 -15.35
CA ASP B 31 20.87 4.00 -16.56
C ASP B 31 20.80 2.82 -17.51
N GLU B 32 21.87 2.04 -17.70
CA GLU B 32 21.84 0.97 -18.70
C GLU B 32 22.80 -0.15 -18.34
N TYR B 33 22.60 -0.78 -17.18
CA TYR B 33 23.46 -1.85 -16.73
C TYR B 33 23.30 -3.03 -17.65
N ASP B 34 24.42 -3.67 -17.99
CA ASP B 34 24.47 -4.82 -18.88
C ASP B 34 23.40 -5.86 -18.55
N PRO B 35 22.45 -6.09 -19.48
CA PRO B 35 21.34 -7.01 -19.18
C PRO B 35 21.71 -8.47 -18.99
N THR B 36 22.96 -8.86 -19.32
CA THR B 36 23.41 -10.24 -19.24
C THR B 36 24.20 -10.56 -17.97
N ILE B 37 24.65 -9.54 -17.22
CA ILE B 37 25.43 -9.80 -16.02
C ILE B 37 24.57 -10.29 -14.86
N GLU B 38 24.89 -11.48 -14.37
CA GLU B 38 24.23 -12.05 -13.21
C GLU B 38 25.32 -12.13 -12.15
N ASP B 39 25.07 -11.57 -10.96
CA ASP B 39 26.07 -11.63 -9.89
C ASP B 39 25.45 -11.40 -8.54
N SER B 40 26.18 -11.79 -7.48
CA SER B 40 25.68 -11.61 -6.13
C SER B 40 26.40 -10.49 -5.40
N TYR B 41 25.69 -9.84 -4.49
CA TYR B 41 26.20 -8.70 -3.75
C TYR B 41 25.88 -8.89 -2.29
N ARG B 42 26.75 -8.40 -1.43
CA ARG B 42 26.50 -8.42 0.00
C ARG B 42 26.25 -7.04 0.54
N LYS B 43 25.48 -6.97 1.62
CA LYS B 43 25.24 -5.70 2.29
C LYS B 43 24.95 -5.94 3.74
N GLN B 44 25.62 -5.22 4.63
CA GLN B 44 25.34 -5.35 6.06
C GLN B 44 24.37 -4.25 6.43
N VAL B 45 23.20 -4.66 6.88
CA VAL B 45 22.10 -3.77 7.18
C VAL B 45 21.63 -3.91 8.63
N VAL B 46 20.82 -2.96 9.09
CA VAL B 46 20.21 -2.99 10.40
C VAL B 46 18.72 -2.84 10.14
N ILE B 47 17.94 -3.86 10.45
CA ILE B 47 16.49 -3.84 10.19
C ILE B 47 15.82 -4.20 11.51
N ASP B 48 14.97 -3.31 12.05
CA ASP B 48 14.30 -3.51 13.34
C ASP B 48 15.28 -3.72 14.48
N GLY B 49 16.40 -3.02 14.44
CA GLY B 49 17.44 -3.13 15.45
C GLY B 49 18.33 -4.34 15.31
N GLU B 50 18.04 -5.25 14.35
CA GLU B 50 18.85 -6.45 14.14
C GLU B 50 19.83 -6.25 12.99
N THR B 51 21.14 -6.38 13.26
CA THR B 51 22.16 -6.28 12.24
C THR B 51 22.23 -7.63 11.52
N SER B 52 22.30 -7.61 10.19
CA SER B 52 22.39 -8.84 9.41
C SER B 52 23.12 -8.62 8.09
N LEU B 53 23.58 -9.70 7.49
CA LEU B 53 24.28 -9.66 6.23
C LEU B 53 23.31 -10.15 5.16
N LEU B 54 23.05 -9.32 4.16
CA LEU B 54 22.20 -9.70 3.04
C LEU B 54 23.09 -10.22 1.93
N ASP B 55 22.77 -11.37 1.38
CA ASP B 55 23.50 -11.98 0.27
C ASP B 55 22.49 -12.05 -0.87
N ILE B 56 22.60 -11.14 -1.81
CA ILE B 56 21.60 -10.94 -2.87
C ILE B 56 22.06 -11.33 -4.25
N LEU B 57 21.31 -12.21 -4.92
CA LEU B 57 21.59 -12.55 -6.30
C LEU B 57 20.70 -11.72 -7.23
N ASP B 58 21.32 -10.90 -8.09
CA ASP B 58 20.66 -10.15 -9.14
C ASP B 58 20.70 -11.08 -10.36
N THR B 59 19.57 -11.76 -10.65
CA THR B 59 19.52 -12.73 -11.74
C THR B 59 19.51 -12.08 -13.14
N ALA B 60 20.01 -12.83 -14.13
CA ALA B 60 20.05 -12.43 -15.53
C ALA B 60 20.23 -13.68 -16.38
N GLY B 61 19.83 -13.58 -17.65
CA GLY B 61 19.95 -14.69 -18.58
C GLY B 61 19.11 -15.89 -18.20
N GLN B 62 17.98 -15.65 -17.52
CA GLN B 62 17.04 -16.68 -17.00
C GLN B 62 16.37 -17.53 -18.09
N GLU B 63 16.60 -17.23 -19.36
CA GLU B 63 16.13 -18.11 -20.45
C GLU B 63 16.96 -19.42 -20.46
N GLU B 64 18.14 -19.44 -19.82
CA GLU B 64 19.03 -20.59 -19.69
C GLU B 64 19.42 -20.81 -18.24
N TYR B 65 19.77 -22.05 -17.87
CA TYR B 65 20.21 -22.31 -16.51
C TYR B 65 21.59 -21.70 -16.26
N SER B 66 21.93 -21.47 -15.00
CA SER B 66 23.27 -21.04 -14.62
C SER B 66 23.63 -21.71 -13.30
N ALA B 67 24.93 -21.93 -13.06
CA ALA B 67 25.38 -22.57 -11.84
C ALA B 67 25.01 -21.72 -10.62
N MET B 68 25.21 -20.40 -10.73
CA MET B 68 24.88 -19.44 -9.69
C MET B 68 23.39 -19.50 -9.36
N ARG B 69 22.50 -19.53 -10.39
CA ARG B 69 21.07 -19.62 -10.11
C ARG B 69 20.65 -20.95 -9.51
N ASP B 70 21.23 -22.07 -9.96
CA ASP B 70 20.89 -23.39 -9.37
C ASP B 70 21.23 -23.41 -7.87
N GLN B 71 22.32 -22.72 -7.46
CA GLN B 71 22.73 -22.65 -6.08
C GLN B 71 21.81 -21.69 -5.30
N TYR B 72 21.62 -20.45 -5.76
CA TYR B 72 20.75 -19.51 -5.06
C TYR B 72 19.28 -19.85 -5.05
N MET B 73 18.78 -20.51 -6.09
CA MET B 73 17.37 -20.90 -6.13
C MET B 73 17.11 -21.96 -5.05
N ARG B 74 18.05 -22.88 -4.84
CA ARG B 74 17.89 -23.93 -3.81
C ARG B 74 18.17 -23.42 -2.40
N THR B 75 19.19 -22.55 -2.22
CA THR B 75 19.52 -22.05 -0.88
C THR B 75 18.84 -20.71 -0.52
N GLY B 76 18.29 -20.01 -1.49
CA GLY B 76 17.66 -18.70 -1.29
C GLY B 76 16.50 -18.76 -0.34
N GLU B 77 16.46 -17.80 0.57
CA GLU B 77 15.43 -17.76 1.60
C GLU B 77 14.24 -16.86 1.24
N GLY B 78 14.49 -15.87 0.39
CA GLY B 78 13.45 -14.96 -0.05
C GLY B 78 13.65 -14.53 -1.48
N PHE B 79 12.54 -14.22 -2.17
CA PHE B 79 12.59 -13.81 -3.56
C PHE B 79 11.83 -12.53 -3.80
N LEU B 80 12.44 -11.58 -4.54
CA LEU B 80 11.74 -10.38 -4.94
C LEU B 80 11.22 -10.69 -6.35
N LEU B 81 9.91 -10.56 -6.56
CA LEU B 81 9.32 -10.82 -7.87
C LEU B 81 9.13 -9.44 -8.49
N VAL B 82 9.99 -9.04 -9.41
CA VAL B 82 9.97 -7.69 -9.95
C VAL B 82 9.32 -7.61 -11.32
N PHE B 83 8.40 -6.65 -11.48
CA PHE B 83 7.84 -6.31 -12.78
C PHE B 83 8.00 -4.78 -12.93
N ALA B 84 7.75 -4.20 -14.13
CA ALA B 84 7.83 -2.75 -14.29
C ALA B 84 6.39 -2.28 -14.50
N ILE B 85 5.94 -1.27 -13.74
CA ILE B 85 4.56 -0.78 -13.82
C ILE B 85 4.14 -0.24 -15.19
N ASN B 86 5.09 0.06 -16.08
CA ASN B 86 4.75 0.51 -17.45
C ASN B 86 4.93 -0.64 -18.49
N ASN B 87 5.09 -1.90 -18.02
CA ASN B 87 5.26 -3.02 -18.93
C ASN B 87 4.34 -4.17 -18.51
N THR B 88 3.18 -4.26 -19.17
CA THR B 88 2.17 -5.27 -18.89
C THR B 88 2.68 -6.69 -19.03
N LYS B 89 3.52 -6.93 -20.05
CA LYS B 89 4.07 -8.28 -20.23
C LYS B 89 4.92 -8.72 -19.02
N SER B 90 5.71 -7.82 -18.42
CA SER B 90 6.53 -8.14 -17.23
C SER B 90 5.68 -8.53 -16.04
N PHE B 91 4.47 -7.94 -15.92
CA PHE B 91 3.54 -8.27 -14.85
C PHE B 91 2.88 -9.62 -15.14
N GLU B 92 2.48 -9.84 -16.41
CA GLU B 92 1.88 -11.12 -16.80
C GLU B 92 2.88 -12.29 -16.63
N ASP B 93 4.19 -12.02 -16.70
CA ASP B 93 5.24 -13.04 -16.49
C ASP B 93 5.37 -13.51 -15.04
N ILE B 94 5.01 -12.65 -14.06
CA ILE B 94 5.22 -12.89 -12.62
C ILE B 94 4.77 -14.28 -12.15
N HIS B 95 3.56 -14.71 -12.53
CA HIS B 95 3.06 -16.00 -12.08
C HIS B 95 3.96 -17.16 -12.49
N HIS B 96 4.67 -17.04 -13.64
CA HIS B 96 5.59 -18.08 -14.11
C HIS B 96 6.82 -18.14 -13.22
N TYR B 97 7.32 -16.99 -12.79
CA TYR B 97 8.49 -16.96 -11.91
C TYR B 97 8.14 -17.53 -10.56
N ARG B 98 7.00 -17.12 -10.00
CA ARG B 98 6.57 -17.64 -8.71
C ARG B 98 6.36 -19.15 -8.77
N GLU B 99 5.79 -19.65 -9.87
CA GLU B 99 5.50 -21.07 -10.02
C GLU B 99 6.77 -21.91 -10.05
N GLN B 100 7.83 -21.43 -10.72
CA GLN B 100 9.08 -22.17 -10.78
C GLN B 100 9.80 -22.16 -9.45
N ILE B 101 9.78 -21.02 -8.74
CA ILE B 101 10.36 -20.91 -7.39
C ILE B 101 9.64 -21.89 -6.46
N LYS B 102 8.30 -21.96 -6.56
CA LYS B 102 7.48 -22.86 -5.75
C LYS B 102 7.89 -24.32 -5.99
N ARG B 103 8.20 -24.68 -7.24
CA ARG B 103 8.61 -26.06 -7.55
C ARG B 103 10.03 -26.35 -7.07
N VAL B 104 10.94 -25.37 -7.12
CA VAL B 104 12.30 -25.55 -6.63
C VAL B 104 12.27 -25.82 -5.12
N LYS B 105 11.47 -25.05 -4.40
CA LYS B 105 11.30 -25.17 -2.96
C LYS B 105 10.35 -26.27 -2.53
N ASP B 106 9.51 -26.78 -3.44
CA ASP B 106 8.48 -27.78 -3.17
C ASP B 106 7.56 -27.27 -2.03
N SER B 107 7.18 -25.98 -2.09
CA SER B 107 6.39 -25.37 -1.04
C SER B 107 5.60 -24.18 -1.55
N GLU B 108 4.43 -23.95 -0.95
CA GLU B 108 3.57 -22.80 -1.26
C GLU B 108 3.90 -21.59 -0.34
N ASP B 109 4.62 -21.84 0.79
CA ASP B 109 5.00 -20.82 1.75
C ASP B 109 6.48 -20.50 1.60
N VAL B 110 6.80 -19.77 0.55
CA VAL B 110 8.14 -19.32 0.31
C VAL B 110 8.13 -17.82 0.50
N PRO B 111 8.96 -17.27 1.38
CA PRO B 111 9.01 -15.80 1.52
C PRO B 111 9.26 -15.07 0.21
N MET B 112 8.30 -14.25 -0.20
CA MET B 112 8.39 -13.47 -1.44
C MET B 112 7.74 -12.10 -1.26
N VAL B 113 8.17 -11.12 -2.05
CA VAL B 113 7.58 -9.79 -2.10
C VAL B 113 7.41 -9.43 -3.56
N LEU B 114 6.21 -8.93 -3.95
CA LEU B 114 5.99 -8.53 -5.32
C LEU B 114 6.42 -7.06 -5.45
N VAL B 115 7.24 -6.73 -6.44
CA VAL B 115 7.77 -5.37 -6.59
C VAL B 115 7.36 -4.78 -7.92
N GLY B 116 6.67 -3.66 -7.88
CA GLY B 116 6.26 -2.95 -9.09
C GLY B 116 7.22 -1.80 -9.24
N ASN B 117 8.22 -1.96 -10.08
CA ASN B 117 9.26 -0.97 -10.23
C ASN B 117 8.95 0.09 -11.31
N LYS B 118 9.74 1.18 -11.35
CA LYS B 118 9.63 2.30 -12.29
C LYS B 118 8.42 3.19 -11.99
N SER B 119 8.10 3.36 -10.72
CA SER B 119 6.96 4.16 -10.27
C SER B 119 7.12 5.68 -10.56
N ASP B 120 8.33 6.13 -10.89
CA ASP B 120 8.61 7.51 -11.27
C ASP B 120 8.13 7.84 -12.69
N LEU B 121 7.81 6.82 -13.52
CA LEU B 121 7.40 7.05 -14.91
C LEU B 121 5.90 7.25 -15.05
N PRO B 122 5.46 8.16 -15.95
CA PRO B 122 4.00 8.39 -16.08
C PRO B 122 3.27 7.42 -17.02
N SER B 123 4.00 6.53 -17.69
CA SER B 123 3.44 5.58 -18.65
C SER B 123 2.86 4.31 -18.02
N ARG B 124 2.34 4.38 -16.79
CA ARG B 124 1.79 3.22 -16.10
C ARG B 124 0.75 2.45 -16.94
N THR B 125 0.93 1.13 -17.05
CA THR B 125 -0.04 0.26 -17.71
C THR B 125 -0.59 -0.81 -16.72
N VAL B 126 0.03 -0.99 -15.55
CA VAL B 126 -0.41 -1.97 -14.56
C VAL B 126 -0.92 -1.23 -13.34
N ASP B 127 -2.23 -1.29 -13.08
CA ASP B 127 -2.88 -0.63 -11.95
C ASP B 127 -2.30 -1.11 -10.66
N THR B 128 -2.16 -0.23 -9.67
CA THR B 128 -1.71 -0.61 -8.33
C THR B 128 -2.65 -1.67 -7.73
N LYS B 129 -3.98 -1.51 -7.90
CA LYS B 129 -4.99 -2.45 -7.41
C LYS B 129 -4.84 -3.84 -8.00
N GLN B 130 -4.54 -3.91 -9.29
CA GLN B 130 -4.40 -5.18 -9.99
C GLN B 130 -3.18 -5.95 -9.47
N ALA B 131 -2.09 -5.25 -9.25
CA ALA B 131 -0.87 -5.85 -8.72
C ALA B 131 -1.10 -6.24 -7.24
N GLN B 132 -1.83 -5.39 -6.48
CA GLN B 132 -2.13 -5.70 -5.07
C GLN B 132 -3.00 -6.93 -4.95
N ASP B 133 -4.00 -7.09 -5.84
CA ASP B 133 -4.87 -8.27 -5.85
C ASP B 133 -4.07 -9.53 -6.18
N LEU B 134 -3.05 -9.43 -7.06
CA LEU B 134 -2.21 -10.60 -7.36
C LEU B 134 -1.39 -10.99 -6.13
N ALA B 135 -0.79 -9.99 -5.44
CA ALA B 135 -0.02 -10.25 -4.22
C ALA B 135 -0.89 -10.90 -3.13
N ARG B 136 -2.16 -10.49 -3.00
CA ARG B 136 -3.05 -11.08 -2.00
C ARG B 136 -3.36 -12.53 -2.35
N SER B 137 -3.53 -12.85 -3.65
CA SER B 137 -3.76 -14.24 -4.10
C SER B 137 -2.59 -15.15 -3.72
N TYR B 138 -1.38 -14.58 -3.60
CA TYR B 138 -0.17 -15.29 -3.18
C TYR B 138 0.09 -15.24 -1.67
N GLY B 139 -0.61 -14.37 -0.96
CA GLY B 139 -0.42 -14.18 0.47
C GLY B 139 0.89 -13.47 0.76
N ILE B 140 1.30 -12.51 -0.12
CA ILE B 140 2.57 -11.80 0.00
C ILE B 140 2.40 -10.28 -0.09
N PRO B 141 3.38 -9.50 0.39
CA PRO B 141 3.28 -8.03 0.27
C PRO B 141 3.58 -7.53 -1.14
N PHE B 142 3.05 -6.34 -1.49
CA PHE B 142 3.33 -5.69 -2.75
C PHE B 142 3.85 -4.29 -2.44
N ILE B 143 4.97 -3.92 -3.04
CA ILE B 143 5.54 -2.60 -2.86
C ILE B 143 5.86 -2.02 -4.21
N GLU B 144 5.60 -0.73 -4.39
CA GLU B 144 5.97 -0.04 -5.61
C GLU B 144 7.28 0.69 -5.38
N THR B 145 8.21 0.56 -6.32
CA THR B 145 9.51 1.15 -6.18
C THR B 145 9.92 2.00 -7.39
N SER B 146 10.94 2.84 -7.20
CA SER B 146 11.58 3.53 -8.29
C SER B 146 13.03 3.38 -7.94
N ALA B 147 13.75 2.57 -8.72
CA ALA B 147 15.19 2.47 -8.55
C ALA B 147 15.86 3.82 -8.93
N LYS B 148 15.20 4.67 -9.75
CA LYS B 148 15.74 5.98 -10.14
C LYS B 148 15.73 7.00 -8.99
N THR B 149 14.59 7.17 -8.31
CA THR B 149 14.47 8.13 -7.21
C THR B 149 14.78 7.52 -5.83
N ARG B 150 14.94 6.19 -5.78
CA ARG B 150 15.18 5.37 -4.58
C ARG B 150 13.89 5.13 -3.75
N GLN B 151 12.73 5.64 -4.18
CA GLN B 151 11.47 5.42 -3.48
C GLN B 151 11.13 3.92 -3.34
N GLY B 152 10.94 3.47 -2.12
CA GLY B 152 10.57 2.09 -1.78
C GLY B 152 11.65 1.04 -1.89
N VAL B 153 12.87 1.44 -2.29
CA VAL B 153 13.93 0.47 -2.52
C VAL B 153 14.31 -0.28 -1.26
N ASP B 154 14.66 0.46 -0.17
CA ASP B 154 14.99 -0.23 1.09
C ASP B 154 13.78 -0.98 1.61
N ASP B 155 12.57 -0.40 1.50
CA ASP B 155 11.35 -1.06 1.97
C ASP B 155 11.13 -2.41 1.33
N ALA B 156 11.40 -2.54 0.02
CA ALA B 156 11.21 -3.80 -0.69
C ALA B 156 12.15 -4.89 -0.14
N PHE B 157 13.45 -4.60 -0.03
CA PHE B 157 14.40 -5.57 0.48
C PHE B 157 14.19 -5.86 1.96
N TYR B 158 13.91 -4.83 2.78
CA TYR B 158 13.67 -5.00 4.22
C TYR B 158 12.41 -5.75 4.51
N THR B 159 11.36 -5.54 3.71
CA THR B 159 10.10 -6.29 3.85
C THR B 159 10.35 -7.75 3.55
N LEU B 160 11.17 -8.05 2.51
CA LEU B 160 11.51 -9.45 2.22
C LEU B 160 12.21 -10.09 3.42
N VAL B 161 13.14 -9.37 4.05
CA VAL B 161 13.78 -9.85 5.28
C VAL B 161 12.75 -10.17 6.39
N ARG B 162 11.77 -9.27 6.60
CA ARG B 162 10.72 -9.48 7.59
C ARG B 162 9.86 -10.69 7.26
N GLU B 163 9.61 -10.95 5.97
CA GLU B 163 8.88 -12.13 5.51
C GLU B 163 9.68 -13.41 5.80
N ILE B 164 11.01 -13.34 5.66
CA ILE B 164 11.87 -14.47 6.00
C ILE B 164 11.81 -14.76 7.50
N ARG B 165 11.84 -13.71 8.35
CA ARG B 165 11.76 -13.85 9.80
C ARG B 165 10.48 -14.53 10.27
N LYS B 166 9.34 -14.21 9.63
CA LYS B 166 8.07 -14.87 9.96
C LYS B 166 8.15 -16.37 9.67
N HIS B 167 8.73 -16.73 8.52
CA HIS B 167 8.88 -18.10 8.05
C HIS B 167 9.82 -18.88 8.95
N LYS B 168 10.92 -18.26 9.38
CA LYS B 168 11.89 -18.90 10.26
C LYS B 168 11.34 -19.12 11.67
N GLU B 169 10.43 -18.24 12.12
CA GLU B 169 9.82 -18.36 13.43
C GLU B 169 8.44 -19.01 13.29
N PHE C 2 -2.77 -4.23 15.18
CA PHE C 2 -1.94 -3.11 14.76
C PHE C 2 -2.61 -2.19 13.78
N LEU C 3 -1.97 -1.00 13.60
CA LEU C 3 -2.45 -0.03 12.62
C LEU C 3 -1.19 0.27 11.84
N ARG C 4 -1.15 0.03 10.51
CA ARG C 4 0.05 0.30 9.71
C ARG C 4 -0.47 1.04 8.50
N LEU C 5 -0.86 2.32 8.62
CA LEU C 5 -1.43 3.00 7.44
C LEU C 5 -0.38 3.25 6.39
N ALA C 6 0.88 3.57 6.80
CA ALA C 6 1.94 3.80 5.81
C ALA C 6 3.30 3.57 6.45
N ARG C 7 4.31 3.22 5.64
CA ARG C 7 5.68 2.93 6.09
C ARG C 7 6.31 4.17 6.65
N PRO C 8 7.17 4.10 7.68
CA PRO C 8 7.35 2.80 8.32
C PRO C 8 6.62 2.77 9.65
N PHE C 9 5.45 3.47 9.78
CA PHE C 9 4.79 3.57 11.07
C PHE C 9 4.01 2.36 11.49
N VAL C 10 3.91 2.15 12.81
CA VAL C 10 3.09 1.03 13.27
C VAL C 10 2.55 1.39 14.61
N SER C 11 1.25 1.19 14.90
CA SER C 11 0.79 1.51 16.24
C SER C 11 0.06 0.28 16.73
N PHE C 12 0.21 -0.07 18.02
CA PHE C 12 -0.51 -1.19 18.57
C PHE C 12 -1.76 -0.58 19.16
N ILE C 13 -2.91 -0.78 18.49
CA ILE C 13 -4.17 -0.19 18.95
C ILE C 13 -5.10 -1.26 19.53
N CYS C 14 -4.75 -2.55 19.45
CA CYS C 14 -5.57 -3.66 19.92
C CYS C 14 -5.46 -3.90 21.40
N GLY C 15 -4.66 -3.17 22.21
CA GLY C 15 -4.57 -3.53 23.63
C GLY C 15 -5.60 -2.98 24.59
N PHE D 2 11.35 -19.22 -23.32
CA PHE D 2 11.36 -20.10 -22.17
C PHE D 2 11.94 -19.52 -20.92
N LEU D 3 11.54 -20.11 -19.79
CA LEU D 3 12.08 -19.67 -18.52
C LEU D 3 12.77 -20.89 -17.95
N ARG D 4 14.10 -20.82 -17.70
CA ARG D 4 14.83 -21.92 -17.10
C ARG D 4 15.50 -21.36 -15.86
N LEU D 5 14.72 -21.02 -14.80
CA LEU D 5 15.32 -20.38 -13.62
C LEU D 5 16.23 -21.33 -12.91
N ALA D 6 15.78 -22.60 -12.71
CA ALA D 6 16.61 -23.52 -12.00
C ALA D 6 16.33 -24.92 -12.50
N ARG D 7 17.38 -25.75 -12.54
CA ARG D 7 17.33 -27.11 -13.03
C ARG D 7 16.37 -27.87 -12.16
N PRO D 8 15.55 -28.84 -12.63
CA PRO D 8 15.54 -29.11 -14.08
C PRO D 8 14.27 -28.56 -14.70
N PHE D 9 13.74 -27.41 -14.21
CA PHE D 9 12.44 -26.96 -14.70
C PHE D 9 12.47 -26.13 -15.96
N VAL D 10 11.30 -26.05 -16.62
CA VAL D 10 11.25 -25.18 -17.78
C VAL D 10 9.81 -24.78 -17.94
N SER D 11 9.58 -23.52 -18.37
CA SER D 11 8.21 -23.09 -18.65
C SER D 11 8.28 -22.33 -19.94
N PHE D 12 7.22 -22.44 -20.77
CA PHE D 12 7.13 -21.67 -22.01
C PHE D 12 6.34 -20.43 -21.67
N ILE D 13 6.96 -19.23 -21.66
CA ILE D 13 6.23 -18.03 -21.28
C ILE D 13 6.15 -17.00 -22.39
N CYS D 14 6.71 -17.22 -23.59
CA CYS D 14 6.72 -16.24 -24.68
C CYS D 14 5.40 -16.13 -25.42
N GLY D 15 4.51 -17.14 -25.49
CA GLY D 15 3.27 -16.92 -26.26
C GLY D 15 2.12 -16.36 -25.45
#